data_1LJ2
#
_entry.id   1LJ2
#
_cell.length_a   59.690
_cell.length_b   74.040
_cell.length_c   77.460
_cell.angle_alpha   90.00
_cell.angle_beta   90.00
_cell.angle_gamma   90.00
#
_symmetry.space_group_name_H-M   'P 21 21 21'
#
loop_
_entity.id
_entity.type
_entity.pdbx_description
1 polymer 'NONSTRUCTURAL RNA-BINDING PROTEIN 34'
2 polymer 'eukaryotic protein synthesis initiation factor'
3 non-polymer 'GOLD ION'
4 water water
#
loop_
_entity_poly.entity_id
_entity_poly.type
_entity_poly.pdbx_seq_one_letter_code
_entity_poly.pdbx_strand_id
1 'polypeptide(L)'
;MHSLQNVIPQQQAHIAELQVYNNKLERDLQNKIGSLTSSIEWYLRSMELDPEIKADIEQQINSIDAINPLHAFDDLESVI
RNLISDYDKLFLMFKGLIQRSNYQYSFGSE
;
A,B
2 'polypeptide(L)' APKRERKTIRIRDPNQGGKDITEEIMSG C,D
#
loop_
_chem_comp.id
_chem_comp.type
_chem_comp.name
_chem_comp.formula
AU non-polymer 'GOLD ION' 'Au 1'
#
# COMPACT_ATOMS: atom_id res chain seq x y z
N HIS A 2 -31.64 3.52 -44.47
CA HIS A 2 -31.92 4.87 -43.89
C HIS A 2 -33.39 5.09 -43.53
N SER A 3 -34.18 4.03 -43.59
CA SER A 3 -35.59 4.11 -43.23
C SER A 3 -35.71 4.30 -41.72
N LEU A 4 -36.84 4.81 -41.25
CA LEU A 4 -37.04 5.03 -39.83
C LEU A 4 -36.77 3.74 -39.07
N GLN A 5 -37.25 2.64 -39.63
CA GLN A 5 -37.07 1.33 -38.99
C GLN A 5 -35.62 0.93 -38.81
N ASN A 6 -34.74 1.40 -39.68
CA ASN A 6 -33.33 1.05 -39.59
C ASN A 6 -32.61 1.81 -38.48
N VAL A 7 -33.31 2.75 -37.86
CA VAL A 7 -32.72 3.52 -36.78
C VAL A 7 -32.63 2.60 -35.57
N ILE A 8 -33.57 1.67 -35.49
CA ILE A 8 -33.62 0.73 -34.37
C ILE A 8 -32.41 -0.19 -34.28
N PRO A 9 -32.02 -0.84 -35.40
CA PRO A 9 -30.86 -1.73 -35.35
C PRO A 9 -29.57 -0.97 -35.01
N GLN A 10 -29.49 0.29 -35.41
CA GLN A 10 -28.30 1.09 -35.13
C GLN A 10 -28.19 1.42 -33.65
N GLN A 11 -29.32 1.71 -33.01
CA GLN A 11 -29.29 2.01 -31.59
C GLN A 11 -28.90 0.77 -30.81
N GLN A 12 -29.61 -0.33 -31.07
CA GLN A 12 -29.32 -1.58 -30.37
C GLN A 12 -27.81 -1.83 -30.42
N ALA A 13 -27.22 -1.68 -31.60
CA ALA A 13 -25.79 -1.90 -31.76
C ALA A 13 -25.03 -0.98 -30.82
N HIS A 14 -25.51 0.26 -30.68
CA HIS A 14 -24.85 1.22 -29.81
C HIS A 14 -25.06 0.81 -28.35
N ILE A 15 -26.23 0.29 -28.02
CA ILE A 15 -26.50 -0.13 -26.65
C ILE A 15 -25.51 -1.24 -26.26
N ALA A 16 -25.42 -2.27 -27.09
CA ALA A 16 -24.52 -3.38 -26.84
C ALA A 16 -23.09 -2.91 -26.58
N GLU A 17 -22.63 -1.94 -27.38
CA GLU A 17 -21.28 -1.40 -27.21
C GLU A 17 -21.12 -0.89 -25.79
N LEU A 18 -21.92 0.12 -25.43
CA LEU A 18 -21.82 0.67 -24.08
C LEU A 18 -21.92 -0.43 -23.01
N GLN A 19 -22.59 -1.53 -23.34
CA GLN A 19 -22.71 -2.62 -22.38
C GLN A 19 -21.43 -3.43 -22.32
N VAL A 20 -20.85 -3.75 -23.47
CA VAL A 20 -19.61 -4.51 -23.52
C VAL A 20 -18.51 -3.67 -22.87
N TYR A 21 -18.30 -2.47 -23.41
CA TYR A 21 -17.30 -1.56 -22.89
C TYR A 21 -17.44 -1.47 -21.38
N ASN A 22 -18.67 -1.40 -20.91
CA ASN A 22 -18.93 -1.28 -19.48
C ASN A 22 -18.58 -2.58 -18.75
N ASN A 23 -18.82 -3.73 -19.38
CA ASN A 23 -18.49 -5.00 -18.77
C ASN A 23 -16.98 -5.22 -18.80
N LYS A 24 -16.34 -4.72 -19.85
CA LYS A 24 -14.91 -4.85 -20.00
C LYS A 24 -14.17 -4.03 -18.94
N LEU A 25 -14.56 -2.76 -18.81
CA LEU A 25 -13.95 -1.87 -17.82
C LEU A 25 -13.84 -2.56 -16.47
N GLU A 26 -14.92 -3.20 -16.04
CA GLU A 26 -14.93 -3.91 -14.77
C GLU A 26 -14.04 -5.13 -14.77
N ARG A 27 -14.00 -5.85 -15.89
CA ARG A 27 -13.18 -7.06 -15.98
C ARG A 27 -11.70 -6.72 -15.87
N ASP A 28 -11.27 -5.67 -16.56
CA ASP A 28 -9.87 -5.28 -16.52
C ASP A 28 -9.47 -4.83 -15.12
N LEU A 29 -10.38 -4.15 -14.42
CA LEU A 29 -10.07 -3.70 -13.08
C LEU A 29 -9.89 -4.89 -12.17
N GLN A 30 -10.80 -5.86 -12.27
CA GLN A 30 -10.71 -7.05 -11.44
C GLN A 30 -9.44 -7.84 -11.74
N ASN A 31 -9.05 -7.92 -13.01
CA ASN A 31 -7.83 -8.66 -13.33
C ASN A 31 -6.60 -7.91 -12.88
N LYS A 32 -6.66 -6.57 -12.94
CA LYS A 32 -5.53 -5.75 -12.51
C LYS A 32 -5.31 -5.97 -11.02
N ILE A 33 -6.38 -5.84 -10.26
CA ILE A 33 -6.29 -6.04 -8.82
C ILE A 33 -5.65 -7.41 -8.55
N GLY A 34 -6.24 -8.45 -9.13
CA GLY A 34 -5.73 -9.79 -8.93
C GLY A 34 -4.27 -9.93 -9.33
N SER A 35 -3.90 -9.32 -10.45
CA SER A 35 -2.53 -9.41 -10.91
C SER A 35 -1.53 -8.70 -10.00
N LEU A 36 -1.89 -7.53 -9.49
CA LEU A 36 -0.96 -6.80 -8.63
C LEU A 36 -0.93 -7.41 -7.22
N THR A 37 -1.95 -8.18 -6.90
CA THR A 37 -2.05 -8.84 -5.61
C THR A 37 -1.05 -9.99 -5.63
N SER A 38 -1.09 -10.77 -6.70
CA SER A 38 -0.17 -11.89 -6.86
C SER A 38 1.24 -11.35 -6.99
N SER A 39 1.39 -10.36 -7.85
CA SER A 39 2.69 -9.76 -8.08
C SER A 39 3.36 -9.37 -6.77
N ILE A 40 2.68 -8.55 -5.96
CA ILE A 40 3.22 -8.13 -4.68
C ILE A 40 3.58 -9.31 -3.78
N GLU A 41 2.69 -10.30 -3.68
CA GLU A 41 2.97 -11.44 -2.82
C GLU A 41 4.27 -12.17 -3.19
N TRP A 42 4.61 -12.21 -4.47
CA TRP A 42 5.84 -12.86 -4.89
C TRP A 42 7.03 -11.94 -4.62
N TYR A 43 6.82 -10.63 -4.70
CA TYR A 43 7.90 -9.69 -4.44
C TYR A 43 8.26 -9.77 -2.95
N LEU A 44 7.22 -9.89 -2.12
CA LEU A 44 7.39 -9.98 -0.67
C LEU A 44 8.19 -11.21 -0.25
N ARG A 45 8.03 -12.30 -1.00
CA ARG A 45 8.75 -13.53 -0.69
C ARG A 45 10.21 -13.44 -1.02
N SER A 46 10.57 -12.51 -1.90
CA SER A 46 11.98 -12.36 -2.28
C SER A 46 12.75 -11.50 -1.28
N MET A 47 12.08 -11.06 -0.22
CA MET A 47 12.70 -10.23 0.81
C MET A 47 13.26 -11.12 1.91
N GLU A 48 14.10 -10.53 2.76
CA GLU A 48 14.73 -11.25 3.87
C GLU A 48 13.89 -11.15 5.16
N LEU A 49 12.76 -10.45 5.09
CA LEU A 49 11.88 -10.32 6.27
C LEU A 49 11.56 -11.67 6.90
N ASP A 50 11.50 -11.71 8.24
CA ASP A 50 11.18 -12.93 8.95
C ASP A 50 9.89 -13.52 8.39
N PRO A 51 9.69 -14.83 8.53
CA PRO A 51 8.49 -15.51 8.03
C PRO A 51 7.19 -14.95 8.61
N GLU A 52 7.24 -14.49 9.86
CA GLU A 52 6.05 -13.93 10.49
C GLU A 52 5.64 -12.63 9.85
N ILE A 53 6.62 -11.75 9.60
CA ILE A 53 6.31 -10.48 8.97
C ILE A 53 5.69 -10.68 7.59
N LYS A 54 6.26 -11.62 6.82
CA LYS A 54 5.75 -11.91 5.47
C LYS A 54 4.37 -12.56 5.57
N ALA A 55 4.24 -13.50 6.50
CA ALA A 55 2.95 -14.17 6.65
C ALA A 55 1.91 -13.11 6.98
N ASP A 56 2.28 -12.20 7.88
CA ASP A 56 1.37 -11.14 8.29
C ASP A 56 1.02 -10.22 7.13
N ILE A 57 1.97 -9.94 6.26
CA ILE A 57 1.66 -9.07 5.14
C ILE A 57 0.83 -9.79 4.09
N GLU A 58 1.16 -11.04 3.79
CA GLU A 58 0.38 -11.79 2.79
C GLU A 58 -1.07 -11.89 3.20
N GLN A 59 -1.30 -12.12 4.48
CA GLN A 59 -2.65 -12.25 5.02
C GLN A 59 -3.46 -11.01 4.67
N GLN A 60 -2.83 -9.85 4.74
CA GLN A 60 -3.52 -8.60 4.42
C GLN A 60 -3.69 -8.40 2.94
N ILE A 61 -2.72 -8.90 2.18
CA ILE A 61 -2.77 -8.76 0.73
C ILE A 61 -3.83 -9.63 0.06
N ASN A 62 -3.80 -10.94 0.30
CA ASN A 62 -4.78 -11.79 -0.35
C ASN A 62 -6.14 -11.57 0.30
N SER A 63 -6.23 -10.51 1.09
CA SER A 63 -7.47 -10.16 1.76
C SER A 63 -8.19 -9.07 0.96
N ILE A 64 -7.47 -8.49 0.00
CA ILE A 64 -8.02 -7.44 -0.84
C ILE A 64 -9.24 -7.92 -1.64
N ASP A 65 -10.24 -7.06 -1.75
CA ASP A 65 -11.46 -7.38 -2.48
C ASP A 65 -11.15 -7.45 -3.97
N ALA A 66 -11.35 -8.62 -4.57
CA ALA A 66 -11.07 -8.79 -5.99
C ALA A 66 -12.26 -8.51 -6.91
N ILE A 67 -13.44 -8.34 -6.32
CA ILE A 67 -14.65 -8.08 -7.10
C ILE A 67 -14.95 -6.59 -7.29
N ASN A 68 -15.15 -5.89 -6.19
CA ASN A 68 -15.48 -4.47 -6.24
C ASN A 68 -14.23 -3.60 -6.16
N PRO A 69 -13.89 -2.90 -7.25
CA PRO A 69 -12.70 -2.04 -7.29
C PRO A 69 -12.65 -0.93 -6.23
N LEU A 70 -13.80 -0.34 -5.92
CA LEU A 70 -13.85 0.72 -4.92
C LEU A 70 -13.41 0.18 -3.57
N HIS A 71 -13.75 -1.07 -3.29
CA HIS A 71 -13.36 -1.66 -2.02
C HIS A 71 -11.92 -2.13 -2.11
N ALA A 72 -11.50 -2.53 -3.31
CA ALA A 72 -10.13 -2.96 -3.51
C ALA A 72 -9.25 -1.76 -3.16
N PHE A 73 -9.63 -0.59 -3.67
CA PHE A 73 -8.87 0.63 -3.39
C PHE A 73 -8.73 0.89 -1.90
N ASP A 74 -9.82 0.72 -1.15
CA ASP A 74 -9.81 0.94 0.29
C ASP A 74 -8.96 -0.06 1.05
N ASP A 75 -8.92 -1.30 0.57
CA ASP A 75 -8.09 -2.30 1.24
C ASP A 75 -6.64 -1.97 0.92
N LEU A 76 -6.40 -1.49 -0.30
CA LEU A 76 -5.04 -1.12 -0.68
C LEU A 76 -4.56 -0.02 0.28
N GLU A 77 -5.43 0.97 0.53
CA GLU A 77 -5.08 2.06 1.44
C GLU A 77 -4.78 1.52 2.83
N SER A 78 -5.59 0.55 3.25
CA SER A 78 -5.43 -0.06 4.55
C SER A 78 -4.10 -0.79 4.63
N VAL A 79 -3.75 -1.54 3.58
CA VAL A 79 -2.48 -2.25 3.55
C VAL A 79 -1.38 -1.19 3.68
N ILE A 80 -1.47 -0.14 2.87
CA ILE A 80 -0.51 0.95 2.89
C ILE A 80 -0.39 1.65 4.26
N ARG A 81 -1.53 1.87 4.92
CA ARG A 81 -1.51 2.51 6.23
C ARG A 81 -0.81 1.65 7.26
N ASN A 82 -1.04 0.34 7.20
CA ASN A 82 -0.39 -0.56 8.15
C ASN A 82 1.11 -0.66 7.88
N LEU A 83 1.51 -0.59 6.62
CA LEU A 83 2.93 -0.65 6.31
C LEU A 83 3.60 0.61 6.85
N ILE A 84 2.96 1.75 6.65
CA ILE A 84 3.51 3.02 7.14
C ILE A 84 3.64 2.99 8.66
N SER A 85 2.59 2.55 9.33
CA SER A 85 2.59 2.47 10.79
C SER A 85 3.69 1.53 11.31
N ASP A 86 3.89 0.39 10.65
CA ASP A 86 4.91 -0.56 11.06
C ASP A 86 6.30 0.02 10.80
N TYR A 87 6.45 0.71 9.67
CA TYR A 87 7.73 1.32 9.34
C TYR A 87 8.05 2.36 10.40
N ASP A 88 7.05 3.15 10.76
CA ASP A 88 7.18 4.19 11.77
C ASP A 88 7.63 3.59 13.10
N LYS A 89 6.99 2.49 13.50
CA LYS A 89 7.34 1.84 14.76
C LYS A 89 8.76 1.26 14.75
N LEU A 90 9.13 0.61 13.65
CA LEU A 90 10.46 0.02 13.55
C LEU A 90 11.53 1.12 13.49
N PHE A 91 11.22 2.22 12.80
CA PHE A 91 12.17 3.33 12.71
C PHE A 91 12.45 3.90 14.10
N LEU A 92 11.42 3.99 14.93
CA LEU A 92 11.56 4.51 16.29
C LEU A 92 12.38 3.55 17.16
N MET A 93 12.25 2.25 16.93
CA MET A 93 13.01 1.28 17.69
C MET A 93 14.45 1.42 17.19
N PHE A 94 14.58 1.73 15.91
CA PHE A 94 15.87 1.91 15.27
C PHE A 94 16.65 3.08 15.85
N LYS A 95 15.98 4.23 16.06
CA LYS A 95 16.65 5.40 16.62
C LYS A 95 17.00 5.14 18.08
N GLY A 96 16.14 4.38 18.75
CA GLY A 96 16.34 4.06 20.15
C GLY A 96 17.55 3.19 20.38
N LEU A 97 17.78 2.23 19.49
CA LEU A 97 18.93 1.32 19.62
C LEU A 97 20.19 2.06 19.22
N ILE A 98 20.06 2.93 18.23
CA ILE A 98 21.16 3.73 17.73
C ILE A 98 21.70 4.59 18.87
N GLN A 99 20.79 5.09 19.70
CA GLN A 99 21.13 5.95 20.81
C GLN A 99 21.71 5.22 22.03
N ARG A 100 21.61 3.89 22.04
CA ARG A 100 22.15 3.13 23.15
C ARG A 100 23.51 2.55 22.78
N SER A 101 23.74 2.39 21.49
CA SER A 101 25.00 1.87 20.98
C SER A 101 25.88 3.09 20.72
N ASN A 102 25.38 4.24 21.12
CA ASN A 102 26.07 5.51 20.92
C ASN A 102 26.55 5.69 19.47
N TYR A 103 25.64 5.42 18.54
CA TYR A 103 25.91 5.57 17.12
C TYR A 103 25.01 6.70 16.61
N GLN A 104 25.00 6.90 15.29
CA GLN A 104 24.16 7.93 14.68
C GLN A 104 23.64 7.42 13.35
N TYR A 105 22.56 8.02 12.86
CA TYR A 105 22.01 7.63 11.57
C TYR A 105 21.92 8.84 10.67
N SER A 106 21.79 8.60 9.37
CA SER A 106 21.70 9.69 8.42
C SER A 106 21.11 9.17 7.12
N PHE A 107 20.96 10.07 6.15
CA PHE A 107 20.43 9.70 4.84
C PHE A 107 21.47 10.04 3.78
N MET B 1 -41.83 -3.22 -26.53
CA MET B 1 -42.72 -2.43 -27.44
C MET B 1 -42.28 -2.61 -28.89
N HIS B 2 -43.16 -2.28 -29.84
CA HIS B 2 -42.83 -2.42 -31.25
C HIS B 2 -43.02 -1.19 -32.12
N SER B 3 -43.87 -0.25 -31.70
CA SER B 3 -44.09 0.95 -32.48
C SER B 3 -42.78 1.73 -32.62
N LEU B 4 -42.46 2.12 -33.84
CA LEU B 4 -41.23 2.87 -34.09
C LEU B 4 -41.24 4.12 -33.23
N GLN B 5 -42.42 4.74 -33.10
CA GLN B 5 -42.59 5.94 -32.31
C GLN B 5 -42.23 5.73 -30.84
N ASN B 6 -42.34 4.50 -30.35
CA ASN B 6 -42.04 4.23 -28.95
C ASN B 6 -40.66 3.61 -28.69
N VAL B 7 -40.25 2.69 -29.55
CA VAL B 7 -38.97 2.02 -29.38
C VAL B 7 -37.79 2.96 -29.54
N ILE B 8 -37.80 3.75 -30.61
CA ILE B 8 -36.70 4.67 -30.84
C ILE B 8 -36.40 5.58 -29.64
N PRO B 9 -37.37 6.40 -29.20
CA PRO B 9 -37.08 7.26 -28.05
C PRO B 9 -36.72 6.49 -26.79
N GLN B 10 -37.39 5.35 -26.59
CA GLN B 10 -37.11 4.51 -25.43
C GLN B 10 -35.67 4.01 -25.48
N GLN B 11 -35.22 3.56 -26.64
CA GLN B 11 -33.83 3.07 -26.76
C GLN B 11 -32.85 4.23 -26.60
N GLN B 12 -33.25 5.40 -27.06
CA GLN B 12 -32.44 6.61 -26.94
C GLN B 12 -32.21 6.91 -25.48
N ALA B 13 -33.27 6.80 -24.69
CA ALA B 13 -33.21 7.07 -23.26
C ALA B 13 -32.31 6.06 -22.60
N HIS B 14 -32.38 4.82 -23.09
CA HIS B 14 -31.59 3.73 -22.56
C HIS B 14 -30.12 4.01 -22.85
N ILE B 15 -29.83 4.49 -24.05
CA ILE B 15 -28.46 4.80 -24.41
C ILE B 15 -27.90 5.92 -23.54
N ALA B 16 -28.71 6.95 -23.32
CA ALA B 16 -28.28 8.08 -22.50
C ALA B 16 -28.01 7.64 -21.06
N GLU B 17 -28.65 6.55 -20.64
CA GLU B 17 -28.46 6.04 -19.29
C GLU B 17 -27.20 5.22 -19.14
N LEU B 18 -26.86 4.46 -20.18
CA LEU B 18 -25.65 3.66 -20.13
C LEU B 18 -24.46 4.61 -20.08
N GLN B 19 -24.58 5.72 -20.80
CA GLN B 19 -23.52 6.70 -20.85
C GLN B 19 -23.36 7.34 -19.47
N VAL B 20 -24.47 7.78 -18.89
CA VAL B 20 -24.45 8.37 -17.56
C VAL B 20 -23.90 7.35 -16.58
N TYR B 21 -24.22 6.08 -16.82
CA TYR B 21 -23.73 5.02 -15.95
C TYR B 21 -22.23 4.96 -16.08
N ASN B 22 -21.74 4.77 -17.30
CA ASN B 22 -20.31 4.68 -17.55
C ASN B 22 -19.54 5.83 -16.94
N ASN B 23 -20.02 7.05 -17.16
CA ASN B 23 -19.35 8.23 -16.62
C ASN B 23 -19.32 8.18 -15.10
N LYS B 24 -20.40 7.69 -14.50
CA LYS B 24 -20.47 7.62 -13.05
C LYS B 24 -19.38 6.73 -12.46
N LEU B 25 -19.15 5.57 -13.09
CA LEU B 25 -18.15 4.63 -12.62
C LEU B 25 -16.76 5.24 -12.60
N GLU B 26 -16.39 5.88 -13.70
CA GLU B 26 -15.08 6.52 -13.83
C GLU B 26 -14.91 7.59 -12.76
N ARG B 27 -15.88 8.50 -12.71
CA ARG B 27 -15.87 9.60 -11.76
C ARG B 27 -15.76 9.06 -10.34
N ASP B 28 -16.56 8.06 -10.01
CA ASP B 28 -16.52 7.45 -8.69
C ASP B 28 -15.15 6.85 -8.41
N LEU B 29 -14.50 6.26 -9.42
CA LEU B 29 -13.16 5.68 -9.23
C LEU B 29 -12.12 6.77 -9.05
N GLN B 30 -12.23 7.83 -9.86
CA GLN B 30 -11.28 8.94 -9.78
C GLN B 30 -11.46 9.65 -8.45
N ASN B 31 -12.69 9.61 -7.94
CA ASN B 31 -13.01 10.26 -6.68
C ASN B 31 -12.48 9.42 -5.53
N LYS B 32 -12.56 8.10 -5.67
CA LYS B 32 -12.08 7.17 -4.65
C LYS B 32 -10.56 7.27 -4.51
N ILE B 33 -9.90 7.54 -5.62
CA ILE B 33 -8.45 7.68 -5.64
C ILE B 33 -8.05 9.00 -4.99
N GLY B 34 -8.80 10.05 -5.29
CA GLY B 34 -8.50 11.33 -4.68
C GLY B 34 -8.62 11.28 -3.17
N SER B 35 -9.70 10.71 -2.66
CA SER B 35 -9.90 10.63 -1.21
C SER B 35 -8.85 9.75 -0.56
N LEU B 36 -8.56 8.62 -1.20
CA LEU B 36 -7.57 7.67 -0.71
C LEU B 36 -6.23 8.38 -0.62
N THR B 37 -5.89 9.08 -1.68
CA THR B 37 -4.61 9.80 -1.73
C THR B 37 -4.44 10.79 -0.59
N SER B 38 -5.43 11.67 -0.41
CA SER B 38 -5.39 12.65 0.67
C SER B 38 -5.35 11.95 2.01
N SER B 39 -6.14 10.90 2.14
CA SER B 39 -6.25 10.16 3.39
C SER B 39 -4.91 9.59 3.85
N ILE B 40 -4.13 9.06 2.92
CA ILE B 40 -2.83 8.49 3.24
C ILE B 40 -1.85 9.61 3.56
N GLU B 41 -1.94 10.72 2.84
CA GLU B 41 -1.04 11.86 3.08
C GLU B 41 -1.24 12.40 4.50
N TRP B 42 -2.50 12.52 4.93
CA TRP B 42 -2.76 13.03 6.25
C TRP B 42 -2.34 12.01 7.31
N TYR B 43 -2.60 10.73 7.05
CA TYR B 43 -2.21 9.69 8.01
C TYR B 43 -0.69 9.66 8.15
N LEU B 44 0.01 9.87 7.04
CA LEU B 44 1.46 9.88 7.04
C LEU B 44 2.00 11.04 7.90
N ARG B 45 1.42 12.24 7.71
CA ARG B 45 1.85 13.39 8.51
C ARG B 45 1.71 13.06 9.99
N SER B 46 0.80 12.16 10.30
CA SER B 46 0.53 11.74 11.66
C SER B 46 1.61 10.85 12.27
N MET B 47 2.53 10.37 11.44
CA MET B 47 3.60 9.51 11.94
C MET B 47 4.74 10.31 12.56
N GLU B 48 5.62 9.63 13.29
CA GLU B 48 6.77 10.24 13.95
C GLU B 48 8.01 10.05 13.09
N LEU B 49 7.83 9.58 11.86
CA LEU B 49 8.94 9.36 10.95
C LEU B 49 9.69 10.67 10.68
N ASP B 50 10.96 10.55 10.27
CA ASP B 50 11.75 11.72 9.96
C ASP B 50 11.20 12.40 8.71
N PRO B 51 11.36 13.72 8.62
CA PRO B 51 10.89 14.51 7.48
C PRO B 51 11.32 13.95 6.13
N GLU B 52 12.57 13.52 6.03
CA GLU B 52 13.09 12.96 4.79
C GLU B 52 12.36 11.69 4.36
N ILE B 53 12.01 10.85 5.32
CA ILE B 53 11.28 9.62 4.99
C ILE B 53 9.88 10.00 4.49
N LYS B 54 9.22 10.89 5.23
CA LYS B 54 7.88 11.35 4.89
C LYS B 54 7.84 11.99 3.52
N ALA B 55 8.83 12.83 3.25
CA ALA B 55 8.91 13.54 1.97
C ALA B 55 8.94 12.51 0.84
N ASP B 56 9.74 11.48 1.01
CA ASP B 56 9.87 10.45 -0.01
C ASP B 56 8.59 9.61 -0.16
N ILE B 57 7.86 9.39 0.92
CA ILE B 57 6.63 8.61 0.85
C ILE B 57 5.51 9.46 0.28
N GLU B 58 5.45 10.71 0.68
CA GLU B 58 4.42 11.62 0.20
C GLU B 58 4.54 11.83 -1.31
N GLN B 59 5.78 11.88 -1.78
CA GLN B 59 6.04 12.09 -3.19
C GLN B 59 5.40 10.99 -4.05
N GLN B 60 5.62 9.75 -3.67
CA GLN B 60 5.09 8.60 -4.40
C GLN B 60 3.57 8.51 -4.28
N ILE B 61 3.03 9.03 -3.18
CA ILE B 61 1.60 9.00 -2.95
C ILE B 61 0.91 10.07 -3.77
N ASN B 62 1.51 11.26 -3.78
CA ASN B 62 0.97 12.40 -4.51
C ASN B 62 1.01 12.19 -6.03
N SER B 63 1.87 11.28 -6.48
CA SER B 63 2.04 11.01 -7.90
C SER B 63 1.11 9.92 -8.47
N ILE B 64 0.26 9.34 -7.64
CA ILE B 64 -0.67 8.31 -8.11
C ILE B 64 -1.53 8.92 -9.21
N ASP B 65 -1.70 8.19 -10.30
CA ASP B 65 -2.51 8.66 -11.43
C ASP B 65 -3.92 8.92 -10.93
N ALA B 66 -4.42 10.14 -11.15
CA ALA B 66 -5.74 10.52 -10.71
C ALA B 66 -6.83 10.38 -11.76
N ILE B 67 -6.45 10.11 -13.00
CA ILE B 67 -7.45 9.98 -14.06
C ILE B 67 -7.75 8.54 -14.49
N ASN B 68 -6.69 7.75 -14.71
CA ASN B 68 -6.88 6.36 -15.14
C ASN B 68 -6.76 5.40 -13.95
N PRO B 69 -7.88 4.77 -13.58
CA PRO B 69 -7.91 3.83 -12.45
C PRO B 69 -6.96 2.63 -12.57
N LEU B 70 -6.68 2.19 -13.79
CA LEU B 70 -5.79 1.06 -13.98
C LEU B 70 -4.35 1.44 -13.61
N HIS B 71 -3.96 2.65 -13.99
CA HIS B 71 -2.61 3.13 -13.68
C HIS B 71 -2.50 3.50 -12.21
N ALA B 72 -3.63 3.83 -11.60
CA ALA B 72 -3.66 4.19 -10.19
C ALA B 72 -3.30 2.93 -9.43
N PHE B 73 -3.84 1.80 -9.89
CA PHE B 73 -3.60 0.50 -9.27
C PHE B 73 -2.15 0.05 -9.35
N ASP B 74 -1.46 0.35 -10.46
CA ASP B 74 -0.07 -0.07 -10.54
C ASP B 74 0.79 0.90 -9.73
N ASP B 75 0.35 2.14 -9.66
CA ASP B 75 1.08 3.13 -8.88
C ASP B 75 0.96 2.77 -7.40
N LEU B 76 -0.17 2.18 -7.02
CA LEU B 76 -0.34 1.77 -5.63
C LEU B 76 0.56 0.54 -5.43
N GLU B 77 0.58 -0.33 -6.42
CA GLU B 77 1.42 -1.53 -6.37
C GLU B 77 2.89 -1.13 -6.12
N SER B 78 3.36 -0.15 -6.89
CA SER B 78 4.72 0.34 -6.76
C SER B 78 4.97 0.98 -5.40
N VAL B 79 3.95 1.61 -4.83
CA VAL B 79 4.11 2.24 -3.53
C VAL B 79 4.31 1.16 -2.49
N ILE B 80 3.44 0.16 -2.50
CA ILE B 80 3.54 -0.93 -1.56
C ILE B 80 4.88 -1.66 -1.71
N ARG B 81 5.29 -1.94 -2.95
CA ARG B 81 6.58 -2.62 -3.19
C ARG B 81 7.74 -1.81 -2.62
N ASN B 82 7.73 -0.50 -2.82
CA ASN B 82 8.80 0.35 -2.28
C ASN B 82 8.76 0.35 -0.75
N LEU B 83 7.56 0.38 -0.17
CA LEU B 83 7.47 0.39 1.30
C LEU B 83 8.06 -0.90 1.85
N ILE B 84 7.69 -2.01 1.23
CA ILE B 84 8.17 -3.32 1.65
C ILE B 84 9.69 -3.39 1.56
N SER B 85 10.25 -2.81 0.51
CA SER B 85 11.69 -2.80 0.34
C SER B 85 12.35 -2.00 1.44
N ASP B 86 11.86 -0.78 1.69
CA ASP B 86 12.43 0.06 2.75
C ASP B 86 12.32 -0.64 4.10
N TYR B 87 11.15 -1.19 4.40
CA TYR B 87 10.93 -1.88 5.66
C TYR B 87 11.95 -3.02 5.79
N ASP B 88 12.14 -3.76 4.70
CA ASP B 88 13.09 -4.87 4.67
C ASP B 88 14.49 -4.37 5.00
N LYS B 89 14.93 -3.31 4.32
CA LYS B 89 16.25 -2.75 4.59
C LYS B 89 16.40 -2.37 6.04
N LEU B 90 15.43 -1.63 6.56
CA LEU B 90 15.48 -1.18 7.95
C LEU B 90 15.48 -2.36 8.92
N PHE B 91 14.74 -3.41 8.60
CA PHE B 91 14.67 -4.57 9.47
C PHE B 91 16.06 -5.21 9.68
N LEU B 92 16.82 -5.36 8.60
CA LEU B 92 18.16 -5.95 8.70
C LEU B 92 19.02 -5.11 9.63
N MET B 93 18.95 -3.78 9.50
CA MET B 93 19.74 -2.92 10.38
C MET B 93 19.27 -3.12 11.81
N PHE B 94 17.96 -3.29 11.97
CA PHE B 94 17.37 -3.51 13.27
C PHE B 94 17.98 -4.77 13.87
N LYS B 95 18.02 -5.83 13.07
CA LYS B 95 18.58 -7.09 13.55
C LYS B 95 20.04 -6.94 14.00
N GLY B 96 20.85 -6.31 13.16
CA GLY B 96 22.24 -6.12 13.52
C GLY B 96 22.39 -5.36 14.82
N LEU B 97 21.57 -4.34 15.00
CA LEU B 97 21.62 -3.56 16.23
C LEU B 97 21.17 -4.37 17.43
N ILE B 98 20.26 -5.31 17.22
CA ILE B 98 19.78 -6.15 18.31
C ILE B 98 20.93 -6.98 18.86
N GLN B 99 21.60 -7.71 17.99
CA GLN B 99 22.74 -8.53 18.38
C GLN B 99 23.82 -7.69 19.05
N ARG B 100 24.08 -6.52 18.47
CA ARG B 100 25.08 -5.62 19.01
C ARG B 100 24.79 -5.28 20.47
N SER B 101 23.53 -5.28 20.84
CA SER B 101 23.16 -4.96 22.23
C SER B 101 22.89 -6.20 23.08
N ASN B 102 23.01 -7.39 22.51
CA ASN B 102 22.72 -8.61 23.25
C ASN B 102 21.27 -8.62 23.66
N TYR B 103 20.44 -8.11 22.75
CA TYR B 103 19.00 -8.05 22.97
C TYR B 103 18.39 -9.14 22.12
N GLN B 104 17.08 -9.26 22.21
CA GLN B 104 16.35 -10.24 21.43
C GLN B 104 15.10 -9.54 20.93
N TYR B 105 14.43 -10.13 19.96
CA TYR B 105 13.20 -9.55 19.44
C TYR B 105 12.22 -10.69 19.17
N SER B 106 10.94 -10.38 19.24
CA SER B 106 9.91 -11.39 19.01
C SER B 106 8.68 -10.71 18.43
N PHE B 107 7.70 -11.51 18.05
CA PHE B 107 6.46 -10.97 17.49
C PHE B 107 5.27 -11.17 18.42
N GLY B 108 4.41 -10.16 18.48
CA GLY B 108 3.24 -10.25 19.33
C GLY B 108 2.06 -9.55 18.68
N SER B 109 1.02 -9.33 19.47
CA SER B 109 -0.19 -8.65 18.99
C SER B 109 -0.42 -7.42 19.84
N GLU B 110 -1.17 -6.47 19.31
CA GLU B 110 -1.47 -5.23 20.03
C GLU B 110 -2.97 -4.97 19.96
N LYS C 7 17.79 8.67 -1.42
CA LYS C 7 18.11 8.80 0.03
C LYS C 7 17.97 7.46 0.78
N THR C 8 19.10 6.95 1.28
CA THR C 8 19.12 5.68 2.02
C THR C 8 19.49 5.93 3.48
N ILE C 9 19.04 5.06 4.39
CA ILE C 9 19.36 5.21 5.81
C ILE C 9 20.72 4.55 6.09
N ARG C 10 21.63 5.31 6.68
CA ARG C 10 22.96 4.81 6.98
C ARG C 10 23.29 4.93 8.47
N ILE C 11 24.21 4.09 8.94
CA ILE C 11 24.60 4.10 10.35
C ILE C 11 26.01 4.67 10.50
N ARG C 12 26.09 5.85 11.12
CA ARG C 12 27.37 6.51 11.33
C ARG C 12 28.02 6.03 12.61
N ASP C 13 29.21 6.53 12.89
CA ASP C 13 29.94 6.18 14.11
C ASP C 13 30.74 7.40 14.55
N PRO C 14 30.21 8.18 15.51
CA PRO C 14 30.94 9.37 15.96
C PRO C 14 32.39 9.10 16.37
N ASN C 15 32.63 7.96 17.02
CA ASN C 15 33.98 7.62 17.47
C ASN C 15 34.84 7.00 16.37
N GLN C 16 34.62 7.46 15.14
CA GLN C 16 35.37 6.97 13.98
C GLN C 16 35.21 7.92 12.82
N GLY C 17 34.99 9.19 13.13
CA GLY C 17 34.83 10.21 12.11
C GLY C 17 33.47 10.15 11.46
N GLY C 18 32.57 9.39 12.05
CA GLY C 18 31.24 9.26 11.48
C GLY C 18 31.27 8.34 10.29
N LYS C 19 32.13 7.33 10.36
CA LYS C 19 32.24 6.36 9.28
C LYS C 19 30.92 5.60 9.14
N ASP C 20 30.61 5.17 7.92
CA ASP C 20 29.39 4.43 7.64
C ASP C 20 29.58 2.95 7.96
N ILE C 21 29.08 2.53 9.11
CA ILE C 21 29.16 1.15 9.56
C ILE C 21 27.89 0.37 9.21
N THR C 22 27.10 0.91 8.30
CA THR C 22 25.85 0.30 7.89
C THR C 22 25.94 -1.17 7.50
N GLU C 23 26.52 -1.47 6.35
CA GLU C 23 26.64 -2.86 5.91
C GLU C 23 27.28 -3.73 7.00
N GLU C 24 28.26 -3.19 7.72
CA GLU C 24 28.88 -3.94 8.80
C GLU C 24 27.80 -4.45 9.73
N ILE C 25 27.01 -3.55 10.29
CA ILE C 25 25.94 -3.92 11.21
C ILE C 25 24.91 -4.86 10.58
N MET C 26 24.59 -4.64 9.32
CA MET C 26 23.62 -5.50 8.63
C MET C 26 24.24 -6.88 8.42
N SER C 27 25.44 -7.07 8.97
CA SER C 27 26.16 -8.33 8.84
C SER C 27 26.24 -9.12 10.14
N GLY C 28 26.06 -8.43 11.27
CA GLY C 28 26.13 -9.11 12.56
C GLY C 28 25.92 -8.21 13.76
N PRO D 2 -12.31 -10.15 12.08
CA PRO D 2 -13.06 -10.74 13.23
C PRO D 2 -12.52 -10.15 14.51
N LYS D 3 -11.21 -10.24 14.71
CA LYS D 3 -10.62 -9.68 15.89
C LYS D 3 -9.66 -8.52 15.57
N ARG D 4 -10.12 -7.33 15.92
CA ARG D 4 -9.36 -6.09 15.79
C ARG D 4 -8.00 -6.13 16.49
N GLU D 5 -6.96 -6.24 15.66
CA GLU D 5 -5.58 -6.32 16.12
C GLU D 5 -4.44 -6.23 15.09
N ARG D 6 -3.21 -6.14 15.59
CA ARG D 6 -2.02 -6.08 14.74
C ARG D 6 -0.84 -6.87 15.30
N LYS D 7 -0.05 -7.47 14.42
CA LYS D 7 1.14 -8.24 14.85
C LYS D 7 2.21 -7.18 14.98
N THR D 8 2.98 -7.23 16.06
CA THR D 8 4.01 -6.23 16.31
C THR D 8 5.39 -6.79 16.62
N ILE D 9 6.41 -5.98 16.42
CA ILE D 9 7.80 -6.36 16.73
C ILE D 9 8.06 -5.90 18.17
N ARG D 10 8.63 -6.78 18.98
CA ARG D 10 8.90 -6.46 20.38
C ARG D 10 10.35 -6.73 20.76
N ILE D 11 10.94 -5.84 21.55
CA ILE D 11 12.33 -5.99 21.97
C ILE D 11 12.45 -6.57 23.38
N ARG D 12 13.18 -7.66 23.52
CA ARG D 12 13.35 -8.30 24.83
C ARG D 12 14.81 -8.27 25.28
N ASP D 13 15.00 -8.25 26.61
CA ASP D 13 16.33 -8.24 27.19
C ASP D 13 16.58 -9.58 27.85
N PRO D 14 17.24 -10.50 27.14
CA PRO D 14 17.51 -11.82 27.71
C PRO D 14 18.29 -11.80 29.04
N ASN D 15 18.80 -10.63 29.42
CA ASN D 15 19.52 -10.55 30.69
C ASN D 15 18.59 -10.11 31.81
N GLN D 16 17.44 -9.57 31.44
CA GLN D 16 16.46 -9.15 32.42
C GLN D 16 15.36 -10.20 32.45
N GLY D 17 15.71 -11.41 32.00
CA GLY D 17 14.77 -12.51 31.98
C GLY D 17 13.84 -12.58 30.78
N GLY D 18 14.13 -11.80 29.75
CA GLY D 18 13.29 -11.78 28.56
C GLY D 18 12.29 -10.65 28.68
N LYS D 19 12.62 -9.67 29.52
CA LYS D 19 11.79 -8.50 29.77
C LYS D 19 11.59 -7.67 28.50
N ASP D 20 10.36 -7.19 28.29
CA ASP D 20 10.00 -6.39 27.13
C ASP D 20 10.37 -4.92 27.34
N ILE D 21 11.41 -4.48 26.64
CA ILE D 21 11.89 -3.10 26.76
C ILE D 21 11.60 -2.26 25.51
N THR D 22 10.53 -2.61 24.79
CA THR D 22 10.16 -1.90 23.57
C THR D 22 9.88 -0.42 23.80
N GLU D 23 9.04 -0.11 24.79
CA GLU D 23 8.68 1.27 25.10
C GLU D 23 9.89 2.03 25.59
N GLU D 24 10.62 1.40 26.51
CA GLU D 24 11.82 1.98 27.09
C GLU D 24 12.78 2.46 25.99
N ILE D 25 12.97 1.64 24.95
CA ILE D 25 13.88 1.99 23.87
C ILE D 25 13.29 2.94 22.83
N MET D 26 11.98 2.93 22.65
CA MET D 26 11.36 3.83 21.67
C MET D 26 11.32 5.26 22.22
N SER D 27 11.56 5.40 23.52
CA SER D 27 11.57 6.73 24.14
C SER D 27 13.01 7.16 24.32
N GLY D 28 13.71 7.34 23.19
CA GLY D 28 15.10 7.76 23.23
C GLY D 28 15.26 9.25 22.95
AU AU E . 4.85 16.59 6.07
AU AU F . -39.78 8.32 -34.09
AU AU G . 14.81 -14.31 26.64
#